data_6GUT
#
_entry.id   6GUT
#
_cell.length_a   128.618
_cell.length_b   83.458
_cell.length_c   59.049
_cell.angle_alpha   90.000
_cell.angle_beta   102.520
_cell.angle_gamma   90.000
#
_symmetry.space_group_name_H-M   'C 1 2 1'
#
loop_
_entity.id
_entity.type
_entity.pdbx_description
1 polymer '23S rRNA pseudouridine synthase D,PilA'
2 non-polymer 'SULFATE ION'
3 non-polymer 'ACETATE ION'
4 non-polymer GLYCEROL
5 water water
#
_entity_poly.entity_id   1
_entity_poly.type   'polypeptide(L)'
_entity_poly.pdbx_seq_one_letter_code
;QIQKAEQNDVKLAPPTDVRSGYIRLVKNVNYYIDSESIWVDNQEPQIVHFDAVVNLDKGLYVYPEPKRYARSVRQYKILN
CANYHLTQVRTDFYDEFWGQGLRAAPKKQKKHTLSLTPDTTLYNAAQIICANYGEAFSVDKKGGTKKAAVSELLQASAPY
KADVELCVYSTNETTNCTGGKNGIAADITTAKGYVKSVTTSNGAITVKGDGTLANMEYILQATGNAATGVTWTTTCKGTD
ASLFPANFCGSVTQGGHHHHHH
;
_entity_poly.pdbx_strand_id   A,B
#
loop_
_chem_comp.id
_chem_comp.type
_chem_comp.name
_chem_comp.formula
ACT non-polymer 'ACETATE ION' 'C2 H3 O2 -1'
GOL non-polymer GLYCEROL 'C3 H8 O3'
SO4 non-polymer 'SULFATE ION' 'O4 S -2'
#
# COMPACT_ATOMS: atom_id res chain seq x y z
N ASN A 8 -42.81 13.75 78.26
CA ASN A 8 -42.32 14.06 79.63
C ASN A 8 -40.94 14.72 79.56
N ASP A 9 -40.08 14.44 80.54
CA ASP A 9 -38.73 15.00 80.58
C ASP A 9 -37.74 14.00 81.19
N VAL A 10 -37.05 13.26 80.33
CA VAL A 10 -36.05 12.29 80.78
C VAL A 10 -34.63 12.79 80.50
N LYS A 11 -33.80 12.77 81.52
CA LYS A 11 -32.40 13.14 81.38
C LYS A 11 -31.59 11.86 81.11
N LEU A 12 -30.67 11.97 80.17
CA LEU A 12 -29.85 10.82 79.77
C LEU A 12 -28.39 11.07 80.13
N ALA A 13 -27.66 9.98 80.37
CA ALA A 13 -26.22 10.04 80.57
C ALA A 13 -25.61 9.37 79.33
N PRO A 14 -25.15 10.18 78.36
CA PRO A 14 -24.59 9.56 77.15
C PRO A 14 -23.35 8.71 77.46
N PRO A 15 -23.12 7.63 76.70
CA PRO A 15 -21.95 6.78 76.98
C PRO A 15 -20.64 7.56 76.98
N THR A 16 -19.76 7.26 77.93
CA THR A 16 -18.47 7.96 78.02
C THR A 16 -17.39 7.29 77.17
N ASP A 17 -17.44 5.96 77.07
CA ASP A 17 -16.52 5.18 76.25
C ASP A 17 -17.02 5.10 74.80
N VAL A 18 -16.09 5.24 73.86
CA VAL A 18 -16.40 5.16 72.44
C VAL A 18 -16.61 3.70 71.99
N ARG A 19 -17.77 3.42 71.41
CA ARG A 19 -18.08 2.09 70.86
C ARG A 19 -17.20 1.83 69.65
N SER A 20 -16.74 0.59 69.50
CA SER A 20 -15.92 0.22 68.35
C SER A 20 -16.60 0.61 67.04
N GLY A 21 -15.80 1.19 66.14
CA GLY A 21 -16.30 1.61 64.85
C GLY A 21 -16.80 3.05 64.80
N TYR A 22 -16.80 3.74 65.94
CA TYR A 22 -17.24 5.15 66.03
C TYR A 22 -16.00 5.98 66.36
N ILE A 23 -15.96 7.23 65.91
CA ILE A 23 -14.80 8.06 66.17
C ILE A 23 -15.21 9.53 66.34
N ARG A 24 -14.58 10.17 67.32
CA ARG A 24 -14.77 11.59 67.63
C ARG A 24 -13.77 12.40 66.84
N LEU A 25 -14.29 13.30 66.01
CA LEU A 25 -13.46 14.19 65.17
C LEU A 25 -13.89 15.65 65.24
N VAL A 26 -14.79 15.97 66.15
CA VAL A 26 -15.26 17.35 66.37
C VAL A 26 -15.28 17.68 67.87
N LYS A 27 -15.52 18.95 68.17
CA LYS A 27 -15.53 19.43 69.55
C LYS A 27 -16.55 18.69 70.43
N ASN A 28 -17.74 18.45 69.89
CA ASN A 28 -18.80 17.76 70.63
C ASN A 28 -18.43 16.28 70.85
N VAL A 29 -18.14 15.90 72.09
CA VAL A 29 -17.71 14.52 72.39
C VAL A 29 -18.79 13.47 72.17
N ASN A 30 -20.04 13.91 72.05
CA ASN A 30 -21.15 13.01 71.78
C ASN A 30 -21.57 12.91 70.32
N TYR A 31 -20.78 13.51 69.42
CA TYR A 31 -20.98 13.46 67.98
C TYR A 31 -19.90 12.56 67.38
N TYR A 32 -20.32 11.51 66.70
CA TYR A 32 -19.39 10.53 66.15
C TYR A 32 -19.57 10.32 64.69
N ILE A 33 -18.47 10.00 64.02
CA ILE A 33 -18.55 9.46 62.66
C ILE A 33 -18.61 7.92 62.81
N ASP A 34 -19.57 7.30 62.14
CA ASP A 34 -19.71 5.85 62.15
C ASP A 34 -18.81 5.29 61.04
N SER A 35 -17.56 4.96 61.38
CA SER A 35 -16.57 4.42 60.41
C SER A 35 -17.11 3.21 59.64
N GLU A 36 -17.86 2.36 60.33
CA GLU A 36 -18.39 1.13 59.72
C GLU A 36 -19.46 1.38 58.66
N SER A 37 -20.08 2.56 58.67
CA SER A 37 -21.12 2.93 57.73
C SER A 37 -20.57 3.46 56.41
N ILE A 38 -19.29 3.75 56.36
CA ILE A 38 -18.71 4.46 55.22
C ILE A 38 -18.64 3.60 53.98
N TRP A 39 -19.18 4.11 52.88
CA TRP A 39 -19.07 3.43 51.59
C TRP A 39 -18.92 4.40 50.44
N VAL A 40 -18.30 3.89 49.37
CA VAL A 40 -18.01 4.64 48.16
C VAL A 40 -18.33 3.74 46.98
N ASP A 41 -18.98 4.32 45.96
CA ASP A 41 -19.20 3.64 44.68
C ASP A 41 -17.98 3.98 43.83
N ASN A 42 -17.27 2.96 43.35
CA ASN A 42 -16.04 3.18 42.57
C ASN A 42 -16.22 4.00 41.28
N GLN A 43 -17.43 4.05 40.75
CA GLN A 43 -17.72 4.87 39.57
C GLN A 43 -17.80 6.37 39.89
N GLU A 44 -17.89 6.70 41.17
CA GLU A 44 -17.88 8.09 41.65
C GLU A 44 -16.98 8.07 42.88
N PRO A 45 -15.67 7.90 42.67
CA PRO A 45 -14.74 7.59 43.75
C PRO A 45 -14.43 8.71 44.72
N GLN A 46 -14.88 9.92 44.42
CA GLN A 46 -14.69 11.02 45.38
C GLN A 46 -15.92 11.32 46.22
N ILE A 47 -17.00 10.56 46.00
CA ILE A 47 -18.25 10.77 46.74
C ILE A 47 -18.35 9.74 47.86
N VAL A 48 -18.26 10.22 49.09
CA VAL A 48 -18.25 9.36 50.27
C VAL A 48 -19.56 9.45 51.02
N HIS A 49 -20.19 8.28 51.22
CA HIS A 49 -21.43 8.17 51.97
C HIS A 49 -21.12 7.73 53.38
N PHE A 50 -21.64 8.44 54.38
CA PHE A 50 -21.46 8.05 55.77
C PHE A 50 -22.57 8.51 56.70
N ASP A 51 -22.66 7.89 57.88
CA ASP A 51 -23.55 8.36 58.92
C ASP A 51 -22.78 9.04 60.05
N ALA A 52 -23.35 10.11 60.56
CA ALA A 52 -22.91 10.73 61.79
C ALA A 52 -23.94 10.30 62.82
N VAL A 53 -23.48 10.10 64.05
CA VAL A 53 -24.33 9.64 65.15
C VAL A 53 -24.12 10.53 66.37
N VAL A 54 -25.23 11.01 66.94
CA VAL A 54 -25.19 11.82 68.13
C VAL A 54 -25.91 11.11 69.27
N ASN A 55 -25.22 10.92 70.39
CA ASN A 55 -25.87 10.40 71.61
C ASN A 55 -26.39 11.58 72.40
N LEU A 56 -27.68 11.57 72.72
CA LEU A 56 -28.36 12.71 73.36
C LEU A 56 -28.22 12.72 74.87
N ASP A 57 -28.30 13.91 75.46
CA ASP A 57 -28.31 14.02 76.93
C ASP A 57 -29.73 14.24 77.46
N LYS A 58 -30.71 14.29 76.55
CA LYS A 58 -32.13 14.36 76.93
C LYS A 58 -33.01 13.65 75.87
N GLY A 59 -33.92 12.81 76.33
CA GLY A 59 -34.77 12.06 75.42
C GLY A 59 -35.75 12.92 74.64
N LEU A 60 -35.99 12.54 73.39
CA LEU A 60 -36.95 13.23 72.54
C LEU A 60 -38.17 12.33 72.28
N TYR A 61 -39.36 12.83 72.62
CA TYR A 61 -40.60 12.02 72.50
C TYR A 61 -41.22 12.14 71.11
N VAL A 62 -40.76 11.28 70.21
CA VAL A 62 -41.12 11.35 68.80
C VAL A 62 -41.75 10.05 68.28
N TYR A 63 -42.29 9.23 69.19
CA TYR A 63 -42.93 7.96 68.84
C TYR A 63 -44.44 8.00 69.09
N PRO A 64 -45.20 7.11 68.42
CA PRO A 64 -46.63 7.00 68.70
C PRO A 64 -46.93 6.79 70.19
N GLU A 65 -46.14 5.93 70.85
CA GLU A 65 -46.29 5.70 72.28
C GLU A 65 -45.70 6.91 73.01
N PRO A 66 -46.53 7.63 73.81
CA PRO A 66 -46.07 8.87 74.48
C PRO A 66 -44.98 8.72 75.54
N LYS A 67 -44.73 7.51 76.02
CA LYS A 67 -43.69 7.26 77.02
C LYS A 67 -42.33 6.91 76.40
N ARG A 68 -42.32 6.57 75.11
CA ARG A 68 -41.08 6.18 74.43
C ARG A 68 -40.35 7.39 73.86
N TYR A 69 -39.02 7.39 74.02
CA TYR A 69 -38.20 8.51 73.60
C TYR A 69 -36.92 8.05 72.90
N ALA A 70 -36.43 8.93 72.03
CA ALA A 70 -35.18 8.71 71.33
C ALA A 70 -33.98 9.05 72.23
N ARG A 71 -32.93 8.23 72.15
CA ARG A 71 -31.68 8.46 72.85
C ARG A 71 -30.55 8.90 71.90
N SER A 72 -30.75 8.74 70.60
CA SER A 72 -29.72 9.11 69.63
C SER A 72 -30.30 9.50 68.29
N VAL A 73 -29.45 10.15 67.49
CA VAL A 73 -29.82 10.62 66.17
C VAL A 73 -28.77 10.08 65.19
N ARG A 74 -29.21 9.59 64.03
CA ARG A 74 -28.32 9.11 62.98
C ARG A 74 -28.59 9.98 61.76
N GLN A 75 -27.56 10.70 61.30
CA GLN A 75 -27.66 11.64 60.19
C GLN A 75 -26.89 11.03 59.03
N TYR A 76 -27.57 10.78 57.91
CA TYR A 76 -26.97 10.22 56.70
C TYR A 76 -26.43 11.39 55.86
N LYS A 77 -25.13 11.37 55.60
CA LYS A 77 -24.41 12.44 54.90
C LYS A 77 -23.73 11.95 53.61
N ILE A 78 -23.54 12.87 52.68
CA ILE A 78 -22.75 12.60 51.49
C ILE A 78 -21.70 13.71 51.34
N LEU A 79 -20.44 13.32 51.30
CA LEU A 79 -19.33 14.26 51.15
C LEU A 79 -18.68 14.09 49.79
N ASN A 80 -18.61 15.20 49.05
CA ASN A 80 -17.93 15.23 47.77
C ASN A 80 -16.53 15.77 48.05
N CYS A 81 -15.54 14.89 47.97
CA CYS A 81 -14.15 15.23 48.30
C CYS A 81 -13.51 16.13 47.27
N ALA A 82 -14.09 16.21 46.06
CA ALA A 82 -13.54 17.09 45.02
C ALA A 82 -13.79 18.59 45.34
N ASN A 83 -14.96 18.93 45.85
CA ASN A 83 -15.33 20.31 46.16
C ASN A 83 -15.66 20.59 47.62
N TYR A 84 -15.48 19.59 48.49
CA TYR A 84 -15.81 19.71 49.90
C TYR A 84 -17.27 20.11 50.17
N HIS A 85 -18.19 19.69 49.29
CA HIS A 85 -19.62 19.90 49.51
C HIS A 85 -20.15 18.79 50.39
N LEU A 86 -20.88 19.15 51.43
CA LEU A 86 -21.47 18.17 52.34
C LEU A 86 -22.98 18.28 52.24
N THR A 87 -23.64 17.16 51.92
CA THR A 87 -25.10 17.08 51.82
C THR A 87 -25.69 16.26 52.98
N GLN A 88 -26.72 16.77 53.68
CA GLN A 88 -27.44 15.94 54.67
C GLN A 88 -28.66 15.39 53.95
N VAL A 89 -28.76 14.06 53.94
CA VAL A 89 -29.74 13.30 53.18
C VAL A 89 -30.95 12.86 54.01
N ARG A 90 -30.73 12.47 55.25
CA ARG A 90 -31.78 11.89 56.09
C ARG A 90 -31.42 12.01 57.56
N THR A 91 -32.43 12.18 58.39
CA THR A 91 -32.26 12.21 59.83
C THR A 91 -33.19 11.17 60.43
N ASP A 92 -32.63 10.30 61.26
CA ASP A 92 -33.40 9.26 61.93
C ASP A 92 -33.19 9.37 63.43
N PHE A 93 -34.25 9.13 64.20
CA PHE A 93 -34.16 9.13 65.65
C PHE A 93 -34.36 7.69 66.12
N TYR A 94 -33.52 7.29 67.08
CA TYR A 94 -33.45 5.91 67.57
C TYR A 94 -33.60 5.86 69.08
N ASP A 95 -34.23 4.78 69.58
CA ASP A 95 -34.47 4.67 71.02
C ASP A 95 -33.33 4.08 71.85
N GLU A 96 -32.21 3.70 71.23
CA GLU A 96 -31.04 3.30 71.98
C GLU A 96 -29.90 4.24 71.55
N PHE A 97 -28.86 4.27 72.35
CA PHE A 97 -27.64 4.99 71.95
C PHE A 97 -27.05 4.34 70.70
N TRP A 98 -26.14 5.06 70.05
CA TRP A 98 -25.42 4.62 68.85
C TRP A 98 -26.29 4.44 67.62
N GLY A 99 -27.45 5.10 67.58
CA GLY A 99 -28.28 5.06 66.40
C GLY A 99 -28.79 3.67 66.08
N GLN A 100 -29.21 2.95 67.11
CA GLN A 100 -29.77 1.62 66.95
C GLN A 100 -31.09 1.51 67.68
N GLY A 101 -31.84 0.47 67.33
CA GLY A 101 -33.11 0.16 67.96
C GLY A 101 -34.28 0.58 67.13
N LEU A 102 -35.35 0.96 67.80
CA LEU A 102 -36.59 1.33 67.14
C LEU A 102 -36.47 2.75 66.61
N ARG A 103 -36.91 2.93 65.37
CA ARG A 103 -36.73 4.18 64.64
C ARG A 103 -38.04 4.98 64.59
N ALA A 104 -37.97 6.28 64.86
CA ALA A 104 -39.16 7.15 64.79
C ALA A 104 -39.66 7.22 63.36
N ALA A 105 -40.95 7.55 63.21
CA ALA A 105 -41.57 7.63 61.90
C ALA A 105 -40.86 8.65 61.01
N PRO A 106 -40.67 8.31 59.71
CA PRO A 106 -39.91 9.21 58.83
C PRO A 106 -40.52 10.60 58.65
N LYS A 107 -39.66 11.61 58.61
CA LYS A 107 -40.05 12.99 58.37
C LYS A 107 -39.32 13.46 57.11
N LYS A 108 -39.86 14.50 56.47
CA LYS A 108 -39.26 15.04 55.26
C LYS A 108 -37.96 15.79 55.59
N GLN A 109 -36.89 15.47 54.88
CA GLN A 109 -35.62 16.16 55.05
C GLN A 109 -35.57 17.28 54.03
N LYS A 110 -35.31 18.50 54.49
CA LYS A 110 -35.03 19.59 53.56
C LYS A 110 -33.58 19.37 53.13
N LYS A 111 -33.39 18.49 52.14
CA LYS A 111 -32.06 18.16 51.62
C LYS A 111 -31.28 19.47 51.39
N HIS A 112 -30.12 19.58 52.01
CA HIS A 112 -29.33 20.81 51.94
C HIS A 112 -27.86 20.49 51.76
N THR A 113 -27.16 21.36 51.02
CA THR A 113 -25.72 21.18 50.79
C THR A 113 -24.98 22.42 51.25
N LEU A 114 -23.82 22.22 51.86
CA LEU A 114 -22.96 23.35 52.23
C LEU A 114 -21.49 23.06 51.92
N SER A 115 -20.73 24.13 51.76
CA SER A 115 -19.32 24.03 51.45
C SER A 115 -18.53 24.04 52.75
N LEU A 116 -17.69 23.03 52.96
CA LEU A 116 -16.84 22.96 54.13
C LEU A 116 -15.53 23.72 53.90
N THR A 117 -15.56 24.98 54.29
CA THR A 117 -14.40 25.86 54.31
C THR A 117 -13.69 25.68 55.66
N PRO A 118 -12.47 26.21 55.80
CA PRO A 118 -11.64 25.87 56.96
C PRO A 118 -12.19 26.24 58.36
N ASP A 119 -13.15 27.15 58.40
CA ASP A 119 -13.79 27.58 59.65
C ASP A 119 -14.93 26.66 60.11
N THR A 120 -15.38 25.76 59.25
CA THR A 120 -16.55 24.91 59.52
C THR A 120 -16.22 23.81 60.54
N THR A 121 -17.20 23.47 61.37
CA THR A 121 -17.02 22.47 62.42
C THR A 121 -16.51 21.13 61.90
N LEU A 122 -17.05 20.72 60.76
CA LEU A 122 -16.74 19.41 60.18
C LEU A 122 -15.56 19.42 59.21
N TYR A 123 -14.84 20.55 59.11
CA TYR A 123 -13.74 20.63 58.13
C TYR A 123 -12.66 19.56 58.31
N ASN A 124 -12.09 19.44 59.50
CA ASN A 124 -11.04 18.43 59.71
C ASN A 124 -11.58 17.00 59.58
N ALA A 125 -12.78 16.75 60.09
CA ALA A 125 -13.42 15.45 59.91
C ALA A 125 -13.51 15.11 58.44
N ALA A 126 -13.86 16.09 57.62
CA ALA A 126 -13.95 15.88 56.18
C ALA A 126 -12.59 15.57 55.58
N GLN A 127 -11.56 16.31 55.99
CA GLN A 127 -10.20 16.02 55.52
C GLN A 127 -9.84 14.56 55.81
N ILE A 128 -10.14 14.10 57.02
CA ILE A 128 -9.83 12.73 57.44
C ILE A 128 -10.64 11.71 56.65
N ILE A 129 -11.94 11.93 56.53
CA ILE A 129 -12.81 11.05 55.75
C ILE A 129 -12.32 10.95 54.32
N CYS A 130 -11.99 12.08 53.71
CA CYS A 130 -11.43 12.10 52.36
C CYS A 130 -10.09 11.36 52.22
N ALA A 131 -9.19 11.53 53.19
CA ALA A 131 -7.90 10.83 53.17
C ALA A 131 -8.08 9.32 53.22
N ASN A 132 -9.07 8.86 53.98
CA ASN A 132 -9.30 7.44 54.17
C ASN A 132 -10.12 6.77 53.07
N TYR A 133 -11.05 7.52 52.45
CA TYR A 133 -12.02 6.95 51.51
C TYR A 133 -12.21 7.63 50.16
N GLY A 134 -11.79 8.88 50.04
CA GLY A 134 -12.09 9.72 48.88
C GLY A 134 -11.00 9.83 47.85
N GLU A 135 -10.06 8.88 47.88
CA GLU A 135 -8.98 8.75 46.89
C GLU A 135 -7.72 9.49 47.33
N THR A 145 -0.69 4.21 41.64
CA THR A 145 -1.33 5.32 40.96
C THR A 145 -0.36 5.96 39.96
N LYS A 146 0.57 6.78 40.47
CA LYS A 146 1.51 7.51 39.62
C LYS A 146 2.60 6.63 39.02
N LYS A 147 3.10 5.66 39.80
CA LYS A 147 4.09 4.71 39.29
C LYS A 147 3.43 3.76 38.28
N ALA A 148 2.20 3.34 38.56
CA ALA A 148 1.47 2.48 37.62
C ALA A 148 1.17 3.25 36.34
N ALA A 149 0.90 4.54 36.47
CA ALA A 149 0.68 5.41 35.30
C ALA A 149 1.95 5.47 34.45
N VAL A 150 3.09 5.71 35.09
CA VAL A 150 4.37 5.79 34.37
C VAL A 150 4.70 4.44 33.72
N SER A 151 4.37 3.34 34.39
CA SER A 151 4.59 2.01 33.81
CA SER A 151 4.58 2.02 33.81
C SER A 151 3.79 1.86 32.52
N GLU A 152 2.56 2.37 32.50
CA GLU A 152 1.75 2.31 31.28
C GLU A 152 2.36 3.15 30.17
N LEU A 153 2.92 4.30 30.53
CA LEU A 153 3.61 5.13 29.55
C LEU A 153 4.81 4.38 28.96
N LEU A 154 5.57 3.67 29.78
CA LEU A 154 6.69 2.88 29.27
C LEU A 154 6.21 1.73 28.36
N GLN A 155 5.17 1.03 28.80
CA GLN A 155 4.66 -0.11 28.05
C GLN A 155 4.12 0.28 26.67
N ALA A 156 3.65 1.52 26.52
CA ALA A 156 3.13 2.00 25.22
C ALA A 156 4.08 1.79 24.04
N SER A 157 5.39 1.89 24.25
CA SER A 157 6.38 1.76 23.19
C SER A 157 6.76 0.32 22.86
N ALA A 158 6.40 -0.63 23.73
CA ALA A 158 6.88 -2.00 23.64
C ALA A 158 6.57 -2.69 22.30
N PRO A 159 5.30 -2.65 21.85
CA PRO A 159 5.00 -3.26 20.55
C PRO A 159 5.73 -2.59 19.39
N TYR A 160 5.90 -1.27 19.48
CA TYR A 160 6.58 -0.53 18.42
C TYR A 160 8.08 -0.82 18.38
N LYS A 161 8.72 -0.97 19.54
CA LYS A 161 10.12 -1.33 19.59
C LYS A 161 10.34 -2.67 18.89
N ALA A 162 9.49 -3.65 19.20
CA ALA A 162 9.57 -4.98 18.56
C ALA A 162 9.40 -4.88 17.05
N ASP A 163 8.40 -4.09 16.62
CA ASP A 163 8.14 -3.86 15.19
C ASP A 163 9.33 -3.24 14.49
N VAL A 164 9.98 -2.26 15.13
CA VAL A 164 11.12 -1.61 14.53
C VAL A 164 12.33 -2.54 14.38
N GLU A 165 12.56 -3.40 15.37
CA GLU A 165 13.66 -4.36 15.29
C GLU A 165 13.46 -5.31 14.11
N LEU A 166 12.24 -5.82 13.97
CA LEU A 166 11.89 -6.70 12.84
C LEU A 166 12.16 -5.97 11.54
N CYS A 167 11.74 -4.70 11.45
CA CYS A 167 12.00 -3.87 10.28
C CYS A 167 13.49 -3.76 9.97
N VAL A 168 14.31 -3.47 10.97
CA VAL A 168 15.73 -3.30 10.75
C VAL A 168 16.39 -4.59 10.23
N TYR A 169 16.00 -5.74 10.77
CA TYR A 169 16.61 -7.00 10.31
C TYR A 169 16.19 -7.36 8.89
N SER A 170 14.94 -7.03 8.56
CA SER A 170 14.37 -7.32 7.24
C SER A 170 14.88 -6.38 6.16
N THR A 171 14.90 -5.08 6.45
CA THR A 171 15.29 -4.05 5.47
C THR A 171 16.75 -3.60 5.56
N ASN A 172 17.44 -3.96 6.64
CA ASN A 172 18.84 -3.61 6.86
C ASN A 172 19.08 -2.08 7.03
N GLU A 173 18.04 -1.35 7.43
CA GLU A 173 18.14 0.10 7.62
C GLU A 173 17.09 0.57 8.62
N THR A 174 17.32 1.73 9.23
CA THR A 174 16.33 2.36 10.12
C THR A 174 15.43 3.32 9.34
N THR A 175 15.94 3.89 8.24
CA THR A 175 15.13 4.75 7.39
C THR A 175 13.95 3.95 6.89
N ASN A 176 12.77 4.55 6.93
CA ASN A 176 11.51 3.89 6.54
C ASN A 176 10.93 2.90 7.56
N CYS A 177 11.60 2.74 8.70
CA CYS A 177 10.96 2.04 9.83
C CYS A 177 10.08 3.09 10.50
N THR A 178 8.90 3.27 9.90
CA THR A 178 7.95 4.33 10.19
C THR A 178 6.54 3.75 10.32
N GLY A 179 5.71 4.33 11.18
CA GLY A 179 4.35 3.86 11.43
C GLY A 179 3.53 3.68 10.16
N GLY A 180 2.90 2.51 10.03
CA GLY A 180 2.11 2.17 8.83
C GLY A 180 2.90 1.58 7.67
N LYS A 181 4.20 1.34 7.88
CA LYS A 181 5.07 0.73 6.87
C LYS A 181 5.85 -0.43 7.45
N ASN A 182 6.25 -1.37 6.61
CA ASN A 182 7.12 -2.48 7.01
C ASN A 182 6.70 -3.25 8.25
N GLY A 183 5.39 -3.45 8.40
CA GLY A 183 4.85 -4.23 9.51
C GLY A 183 4.74 -3.44 10.81
N ILE A 184 5.17 -2.18 10.77
CA ILE A 184 5.09 -1.31 11.93
C ILE A 184 3.67 -0.78 12.04
N ALA A 185 3.03 -1.00 13.18
CA ALA A 185 1.66 -0.57 13.39
C ALA A 185 1.54 0.94 13.17
N ALA A 186 0.33 1.39 12.86
CA ALA A 186 0.08 2.80 12.62
C ALA A 186 0.32 3.59 13.90
N ASP A 187 0.72 4.84 13.74
CA ASP A 187 0.87 5.75 14.87
C ASP A 187 -0.44 5.87 15.65
N ILE A 188 -0.34 6.06 16.96
CA ILE A 188 -1.49 6.27 17.81
C ILE A 188 -1.59 7.76 18.03
N THR A 189 -2.62 8.38 17.48
CA THR A 189 -2.80 9.82 17.62
C THR A 189 -4.05 10.20 18.41
N THR A 190 -4.71 9.23 19.03
CA THR A 190 -5.85 9.47 19.91
C THR A 190 -5.44 9.19 21.37
N ALA A 191 -5.59 10.20 22.23
CA ALA A 191 -5.27 10.07 23.65
C ALA A 191 -6.10 8.99 24.32
N LYS A 192 -5.44 8.18 25.16
CA LYS A 192 -6.11 7.12 25.90
C LYS A 192 -5.35 6.89 27.20
N GLY A 193 -6.03 7.06 28.32
CA GLY A 193 -5.42 6.92 29.64
C GLY A 193 -4.32 7.94 29.85
N TYR A 194 -3.13 7.46 30.17
CA TYR A 194 -1.98 8.35 30.42
C TYR A 194 -1.11 8.55 29.18
N VAL A 195 -1.52 7.99 28.05
CA VAL A 195 -0.75 8.06 26.80
C VAL A 195 -1.43 9.00 25.80
N LYS A 196 -0.79 10.13 25.51
CA LYS A 196 -1.32 11.09 24.55
C LYS A 196 -1.17 10.59 23.11
N SER A 197 0.01 10.07 22.80
CA SER A 197 0.33 9.64 21.44
C SER A 197 1.60 8.79 21.41
N VAL A 198 1.67 7.96 20.37
CA VAL A 198 2.85 7.18 20.02
C VAL A 198 3.05 7.30 18.52
N THR A 199 4.18 7.87 18.12
CA THR A 199 4.50 8.00 16.69
C THR A 199 5.89 7.42 16.41
N THR A 200 6.02 6.74 15.27
CA THR A 200 7.27 6.13 14.84
C THR A 200 7.68 6.66 13.47
N SER A 201 8.92 7.10 13.38
CA SER A 201 9.49 7.68 12.17
C SER A 201 10.98 7.41 12.07
N ASN A 202 11.40 6.68 11.03
CA ASN A 202 12.82 6.41 10.80
C ASN A 202 13.55 5.84 12.03
N GLY A 203 12.89 4.89 12.69
CA GLY A 203 13.49 4.17 13.79
C GLY A 203 13.36 4.87 15.13
N ALA A 204 12.68 6.03 15.16
CA ALA A 204 12.44 6.81 16.41
C ALA A 204 11.00 6.67 16.81
N ILE A 205 10.79 6.20 18.05
CA ILE A 205 9.47 6.05 18.64
C ILE A 205 9.30 7.14 19.68
N THR A 206 8.35 8.03 19.45
CA THR A 206 8.11 9.19 20.35
C THR A 206 6.81 8.95 21.09
N VAL A 207 6.90 8.97 22.44
CA VAL A 207 5.77 8.73 23.31
C VAL A 207 5.56 9.96 24.19
N LYS A 208 4.34 10.49 24.17
CA LYS A 208 4.01 11.64 24.99
C LYS A 208 2.93 11.29 26.00
N GLY A 209 3.09 11.77 27.23
CA GLY A 209 2.10 11.48 28.25
C GLY A 209 0.91 12.41 28.21
N ASP A 210 -0.14 12.02 28.91
CA ASP A 210 -1.37 12.80 28.97
C ASP A 210 -1.84 12.90 30.43
N GLY A 211 -2.71 13.88 30.68
CA GLY A 211 -3.29 14.07 32.01
C GLY A 211 -2.24 14.35 33.06
N THR A 212 -2.18 13.49 34.08
CA THR A 212 -1.20 13.65 35.15
C THR A 212 0.24 13.53 34.62
N LEU A 213 0.43 12.84 33.50
CA LEU A 213 1.77 12.68 32.89
C LEU A 213 1.99 13.59 31.68
N ALA A 214 1.21 14.66 31.58
CA ALA A 214 1.30 15.58 30.44
C ALA A 214 2.68 16.22 30.24
N ASN A 215 3.49 16.32 31.31
CA ASN A 215 4.83 16.91 31.21
C ASN A 215 5.95 15.88 31.18
N MET A 216 5.63 14.73 30.58
CA MET A 216 6.59 13.65 30.36
C MET A 216 6.54 13.19 28.91
N GLU A 217 7.72 12.98 28.34
CA GLU A 217 7.84 12.48 26.98
C GLU A 217 9.14 11.69 26.88
N TYR A 218 9.18 10.67 26.01
CA TYR A 218 10.46 10.04 25.71
C TYR A 218 10.50 9.64 24.26
N ILE A 219 11.72 9.51 23.76
CA ILE A 219 12.02 9.10 22.40
C ILE A 219 13.00 7.92 22.45
N LEU A 220 12.58 6.80 21.85
CA LEU A 220 13.43 5.63 21.70
C LEU A 220 13.94 5.62 20.26
N GLN A 221 15.24 5.72 20.09
CA GLN A 221 15.85 5.77 18.75
C GLN A 221 16.69 4.54 18.47
N ALA A 222 16.35 3.82 17.40
CA ALA A 222 17.14 2.68 16.93
C ALA A 222 18.26 3.18 16.00
N THR A 223 19.47 2.65 16.18
CA THR A 223 20.56 2.95 15.24
C THR A 223 21.28 1.66 14.86
N GLY A 224 21.84 1.66 13.65
CA GLY A 224 22.64 0.52 13.17
C GLY A 224 21.87 -0.46 12.32
N ASN A 225 22.40 -1.67 12.29
CA ASN A 225 21.84 -2.76 11.50
C ASN A 225 22.46 -4.06 12.04
N ALA A 226 22.13 -5.18 11.42
CA ALA A 226 22.62 -6.49 11.87
C ALA A 226 24.14 -6.55 12.04
N ALA A 227 24.87 -6.03 11.06
CA ALA A 227 26.31 -6.15 11.07
C ALA A 227 26.99 -5.27 12.11
N THR A 228 26.44 -4.08 12.33
CA THR A 228 27.01 -3.16 13.30
C THR A 228 26.47 -3.47 14.70
N GLY A 229 25.29 -4.08 14.73
CA GLY A 229 24.53 -4.30 15.96
C GLY A 229 23.47 -3.20 15.98
N VAL A 230 22.26 -3.56 16.41
CA VAL A 230 21.15 -2.60 16.50
C VAL A 230 21.10 -2.08 17.92
N THR A 231 21.33 -0.77 18.09
CA THR A 231 21.39 -0.16 19.42
C THR A 231 20.24 0.82 19.62
N TRP A 232 19.81 0.94 20.87
CA TRP A 232 18.69 1.81 21.23
C TRP A 232 19.13 2.86 22.20
N THR A 233 18.70 4.10 21.98
CA THR A 233 18.92 5.19 22.94
C THR A 233 17.57 5.71 23.41
N THR A 234 17.51 6.12 24.68
CA THR A 234 16.28 6.65 25.27
C THR A 234 16.56 8.08 25.69
N THR A 235 15.81 9.03 25.15
CA THR A 235 15.95 10.44 25.48
C THR A 235 14.65 10.91 26.14
N CYS A 236 14.73 11.44 27.34
CA CYS A 236 13.54 11.91 28.06
C CYS A 236 13.45 13.45 28.03
N LYS A 237 12.21 13.95 27.99
CA LYS A 237 11.93 15.38 27.94
C LYS A 237 10.74 15.70 28.84
N GLY A 238 10.62 16.99 29.18
CA GLY A 238 9.48 17.46 29.97
C GLY A 238 9.88 17.88 31.36
N THR A 239 9.09 18.78 31.94
CA THR A 239 9.37 19.26 33.28
C THR A 239 9.29 18.16 34.34
N ASP A 240 8.51 17.10 34.10
CA ASP A 240 8.35 15.99 35.03
C ASP A 240 9.13 14.71 34.64
N ALA A 241 10.17 14.87 33.83
CA ALA A 241 11.02 13.73 33.44
C ALA A 241 11.63 13.02 34.68
N SER A 242 11.68 13.73 35.82
CA SER A 242 12.18 13.14 37.07
C SER A 242 11.31 11.97 37.58
N LEU A 243 10.10 11.84 37.06
CA LEU A 243 9.18 10.74 37.41
C LEU A 243 9.46 9.43 36.66
N PHE A 244 10.35 9.47 35.67
CA PHE A 244 10.72 8.23 34.95
C PHE A 244 11.50 7.31 35.90
N PRO A 245 11.37 5.99 35.72
CA PRO A 245 12.06 5.06 36.62
C PRO A 245 13.57 5.11 36.54
N ALA A 246 14.22 4.70 37.62
CA ALA A 246 15.68 4.67 37.67
C ALA A 246 16.23 3.93 36.45
N ASN A 247 17.27 4.51 35.87
CA ASN A 247 18.02 3.95 34.72
C ASN A 247 17.29 3.93 33.37
N PHE A 248 16.06 4.45 33.31
CA PHE A 248 15.32 4.48 32.05
C PHE A 248 15.90 5.50 31.05
N CYS A 249 16.02 6.75 31.48
CA CYS A 249 16.47 7.85 30.61
C CYS A 249 17.98 7.77 30.36
N GLY A 250 18.38 7.87 29.09
CA GLY A 250 19.80 7.92 28.73
C GLY A 250 20.41 9.30 28.96
N ASN B 8 37.42 -32.48 -78.54
CA ASN B 8 35.94 -32.68 -78.62
C ASN B 8 35.24 -31.33 -78.59
N ASP B 9 34.26 -31.14 -79.49
CA ASP B 9 33.53 -29.87 -79.57
C ASP B 9 32.12 -30.09 -80.12
N VAL B 10 31.14 -29.43 -79.50
CA VAL B 10 29.75 -29.53 -79.93
C VAL B 10 28.98 -28.25 -79.58
N LYS B 11 28.41 -27.65 -80.62
CA LYS B 11 27.60 -26.44 -80.46
C LYS B 11 26.16 -26.87 -80.18
N LEU B 12 25.53 -26.19 -79.23
CA LEU B 12 24.17 -26.52 -78.82
C LEU B 12 23.22 -25.39 -79.17
N ALA B 13 21.97 -25.74 -79.38
CA ALA B 13 20.90 -24.76 -79.55
C ALA B 13 20.01 -24.88 -78.31
N PRO B 14 20.20 -23.99 -77.33
CA PRO B 14 19.38 -24.09 -76.11
C PRO B 14 17.92 -23.92 -76.42
N PRO B 15 17.05 -24.58 -75.65
CA PRO B 15 15.62 -24.48 -75.93
C PRO B 15 15.12 -23.03 -75.92
N THR B 16 14.27 -22.69 -76.88
CA THR B 16 13.68 -21.37 -76.92
C THR B 16 12.41 -21.27 -76.06
N ASP B 17 11.64 -22.37 -76.01
CA ASP B 17 10.42 -22.41 -75.19
C ASP B 17 10.78 -22.79 -73.75
N VAL B 18 10.16 -22.12 -72.80
CA VAL B 18 10.47 -22.34 -71.39
C VAL B 18 9.73 -23.58 -70.86
N ARG B 19 10.46 -24.48 -70.21
CA ARG B 19 9.85 -25.62 -69.57
C ARG B 19 9.02 -25.13 -68.41
N SER B 20 7.79 -25.62 -68.29
CA SER B 20 6.96 -25.25 -67.16
C SER B 20 7.67 -25.49 -65.83
N GLY B 21 7.63 -24.48 -64.96
CA GLY B 21 8.31 -24.56 -63.67
C GLY B 21 9.62 -23.79 -63.63
N TYR B 22 10.05 -23.27 -64.78
CA TYR B 22 11.31 -22.52 -64.90
C TYR B 22 10.94 -21.10 -65.34
N ILE B 23 11.59 -20.10 -64.75
CA ILE B 23 11.28 -18.71 -65.10
C ILE B 23 12.51 -17.86 -65.35
N ARG B 24 12.43 -17.05 -66.41
CA ARG B 24 13.46 -16.08 -66.79
C ARG B 24 13.21 -14.77 -66.05
N LEU B 25 14.20 -14.37 -65.25
CA LEU B 25 14.18 -13.10 -64.51
C LEU B 25 15.42 -12.22 -64.69
N VAL B 26 16.38 -12.69 -65.48
CA VAL B 26 17.65 -11.99 -65.68
C VAL B 26 18.00 -11.77 -67.17
N LYS B 27 19.10 -11.06 -67.38
CA LYS B 27 19.53 -10.70 -68.73
C LYS B 27 19.76 -11.89 -69.65
N ASN B 28 20.43 -12.93 -69.14
CA ASN B 28 20.68 -14.13 -69.91
C ASN B 28 19.38 -14.93 -70.00
N VAL B 29 18.81 -14.99 -71.21
CA VAL B 29 17.54 -15.70 -71.39
C VAL B 29 17.65 -17.22 -71.14
N ASN B 30 18.88 -17.73 -71.10
CA ASN B 30 19.13 -19.13 -70.81
C ASN B 30 19.39 -19.45 -69.34
N TYR B 31 19.24 -18.43 -68.47
CA TYR B 31 19.38 -18.59 -67.02
C TYR B 31 18.00 -18.54 -66.39
N TYR B 32 17.66 -19.59 -65.65
CA TYR B 32 16.32 -19.77 -65.09
C TYR B 32 16.33 -20.00 -63.58
N ILE B 33 15.28 -19.55 -62.91
CA ILE B 33 15.04 -20.00 -61.54
C ILE B 33 14.11 -21.24 -61.64
N ASP B 34 14.48 -22.32 -60.97
CA ASP B 34 13.67 -23.53 -60.90
C ASP B 34 12.67 -23.35 -59.78
N SER B 35 11.41 -23.04 -60.12
CA SER B 35 10.42 -22.69 -59.06
C SER B 35 10.18 -23.79 -58.03
N GLU B 36 10.22 -25.05 -58.43
CA GLU B 36 9.97 -26.11 -57.44
C GLU B 36 11.14 -26.39 -56.51
N SER B 37 12.29 -25.76 -56.77
CA SER B 37 13.44 -25.90 -55.89
C SER B 37 13.39 -24.94 -54.71
N ILE B 38 12.48 -23.98 -54.74
CA ILE B 38 12.49 -22.89 -53.74
C ILE B 38 12.04 -23.41 -52.39
N TRP B 39 12.82 -23.14 -51.35
CA TRP B 39 12.45 -23.58 -50.02
C TRP B 39 12.90 -22.62 -48.95
N VAL B 40 12.02 -22.42 -47.96
CA VAL B 40 12.29 -21.51 -46.85
C VAL B 40 11.93 -22.23 -45.54
N ASP B 41 12.85 -22.20 -44.59
CA ASP B 41 12.60 -22.70 -43.22
C ASP B 41 11.92 -21.57 -42.46
N ASN B 42 10.73 -21.82 -41.89
CA ASN B 42 10.02 -20.76 -41.15
C ASN B 42 10.77 -20.21 -39.93
N GLN B 43 11.79 -20.95 -39.45
CA GLN B 43 12.66 -20.46 -38.37
C GLN B 43 13.65 -19.39 -38.87
N GLU B 44 13.89 -19.37 -40.18
CA GLU B 44 14.78 -18.37 -40.81
C GLU B 44 14.04 -17.85 -42.05
N PRO B 45 12.97 -17.07 -41.84
CA PRO B 45 12.06 -16.73 -42.90
C PRO B 45 12.58 -15.79 -43.99
N GLN B 46 13.76 -15.20 -43.80
CA GLN B 46 14.32 -14.34 -44.83
C GLN B 46 15.37 -15.06 -45.68
N ILE B 47 15.60 -16.35 -45.41
CA ILE B 47 16.64 -17.11 -46.11
C ILE B 47 15.98 -18.05 -47.12
N VAL B 48 16.16 -17.73 -48.40
CA VAL B 48 15.54 -18.51 -49.49
C VAL B 48 16.56 -19.39 -50.24
N HIS B 49 16.33 -20.70 -50.19
CA HIS B 49 17.17 -21.68 -50.86
C HIS B 49 16.53 -21.98 -52.21
N PHE B 50 17.35 -22.04 -53.25
CA PHE B 50 16.85 -22.37 -54.58
C PHE B 50 17.97 -22.77 -55.51
N ASP B 51 17.59 -23.33 -56.66
CA ASP B 51 18.55 -23.60 -57.72
C ASP B 51 18.32 -22.67 -58.90
N ALA B 52 19.43 -22.18 -59.46
CA ALA B 52 19.41 -21.54 -60.76
C ALA B 52 19.85 -22.60 -61.76
N VAL B 53 19.27 -22.58 -62.95
CA VAL B 53 19.56 -23.55 -63.99
C VAL B 53 19.95 -22.81 -65.27
N VAL B 54 21.06 -23.20 -65.87
CA VAL B 54 21.52 -22.54 -67.09
C VAL B 54 21.62 -23.54 -68.24
N ASN B 55 20.94 -23.27 -69.34
CA ASN B 55 21.06 -24.09 -70.57
C ASN B 55 22.21 -23.54 -71.39
N LEU B 56 23.14 -24.42 -71.73
CA LEU B 56 24.38 -24.01 -72.38
C LEU B 56 24.30 -23.93 -73.89
N ASP B 57 25.19 -23.11 -74.47
CA ASP B 57 25.33 -22.93 -75.93
C ASP B 57 26.41 -23.85 -76.50
N LYS B 58 27.25 -24.42 -75.62
CA LYS B 58 28.30 -25.35 -76.04
C LYS B 58 28.45 -26.45 -75.00
N GLY B 59 28.56 -27.69 -75.45
CA GLY B 59 28.71 -28.81 -74.52
C GLY B 59 30.02 -28.81 -73.76
N LEU B 60 29.98 -29.21 -72.49
CA LEU B 60 31.19 -29.32 -71.65
C LEU B 60 31.47 -30.79 -71.31
N TYR B 61 32.68 -31.27 -71.63
CA TYR B 61 33.03 -32.68 -71.49
C TYR B 61 33.58 -32.92 -70.09
N VAL B 62 32.65 -33.12 -69.15
CA VAL B 62 32.94 -33.21 -67.73
C VAL B 62 32.69 -34.59 -67.11
N TYR B 63 32.53 -35.61 -67.95
CA TYR B 63 32.18 -36.97 -67.50
C TYR B 63 33.34 -37.96 -67.68
N PRO B 64 33.31 -39.07 -66.92
CA PRO B 64 34.30 -40.14 -67.12
C PRO B 64 34.23 -40.66 -68.55
N GLU B 65 33.02 -40.81 -69.08
CA GLU B 65 32.81 -41.18 -70.47
C GLU B 65 33.26 -39.98 -71.30
N PRO B 66 34.34 -40.14 -72.09
CA PRO B 66 34.89 -38.99 -72.83
C PRO B 66 34.00 -38.38 -73.93
N LYS B 67 33.03 -39.13 -74.45
CA LYS B 67 32.12 -38.61 -75.48
C LYS B 67 30.89 -37.89 -74.93
N ARG B 68 30.63 -38.01 -73.63
CA ARG B 68 29.43 -37.41 -73.05
C ARG B 68 29.72 -35.97 -72.68
N TYR B 69 28.74 -35.11 -72.87
CA TYR B 69 28.91 -33.70 -72.54
C TYR B 69 27.70 -33.18 -71.81
N ALA B 70 27.95 -32.17 -70.97
CA ALA B 70 26.86 -31.48 -70.27
C ALA B 70 26.21 -30.46 -71.17
N ARG B 71 24.89 -30.36 -71.03
CA ARG B 71 24.07 -29.40 -71.75
C ARG B 71 23.52 -28.30 -70.82
N SER B 72 23.57 -28.50 -69.50
CA SER B 72 23.08 -27.49 -68.56
C SER B 72 23.82 -27.55 -67.24
N VAL B 73 23.60 -26.52 -66.43
CA VAL B 73 24.27 -26.34 -65.16
C VAL B 73 23.17 -26.07 -64.13
N ARG B 74 23.33 -26.62 -62.93
CA ARG B 74 22.42 -26.36 -61.83
C ARG B 74 23.26 -25.76 -60.69
N GLN B 75 22.97 -24.53 -60.31
CA GLN B 75 23.71 -23.84 -59.23
C GLN B 75 22.84 -23.70 -58.00
N TYR B 76 23.29 -24.28 -56.89
CA TYR B 76 22.54 -24.19 -55.64
C TYR B 76 22.89 -22.87 -54.95
N LYS B 77 21.85 -22.08 -54.67
CA LYS B 77 21.96 -20.73 -54.12
C LYS B 77 21.20 -20.58 -52.81
N ILE B 78 21.69 -19.66 -51.97
CA ILE B 78 20.99 -19.28 -50.76
C ILE B 78 20.99 -17.75 -50.71
N LEU B 79 19.79 -17.18 -50.71
CA LEU B 79 19.61 -15.74 -50.75
C LEU B 79 19.15 -15.25 -49.38
N ASN B 80 19.90 -14.31 -48.79
CA ASN B 80 19.49 -13.67 -47.54
C ASN B 80 18.75 -12.37 -47.93
N CYS B 81 17.44 -12.39 -47.74
CA CYS B 81 16.59 -11.26 -48.13
C CYS B 81 16.74 -10.02 -47.23
N ALA B 82 17.41 -10.17 -46.11
CA ALA B 82 17.66 -9.03 -45.23
C ALA B 82 18.80 -8.14 -45.75
N ASN B 83 19.87 -8.74 -46.28
CA ASN B 83 21.04 -7.98 -46.72
C ASN B 83 21.39 -8.16 -48.20
N TYR B 84 20.57 -8.94 -48.89
CA TYR B 84 20.77 -9.25 -50.31
C TYR B 84 22.11 -9.90 -50.62
N HIS B 85 22.61 -10.72 -49.69
CA HIS B 85 23.76 -11.57 -49.95
C HIS B 85 23.27 -12.86 -50.58
N LEU B 86 23.88 -13.21 -51.70
CA LEU B 86 23.56 -14.43 -52.45
C LEU B 86 24.74 -15.38 -52.40
N THR B 87 24.57 -16.47 -51.65
CA THR B 87 25.59 -17.48 -51.52
C THR B 87 25.46 -18.53 -52.60
N GLN B 88 26.50 -18.64 -53.41
CA GLN B 88 26.62 -19.66 -54.45
C GLN B 88 27.31 -20.83 -53.74
N VAL B 89 26.54 -21.88 -53.43
CA VAL B 89 27.04 -22.98 -52.60
C VAL B 89 27.84 -24.02 -53.40
N ARG B 90 27.22 -24.53 -54.45
CA ARG B 90 27.89 -25.47 -55.35
C ARG B 90 27.18 -25.56 -56.68
N THR B 91 27.87 -26.18 -57.64
CA THR B 91 27.40 -26.31 -59.00
C THR B 91 27.50 -27.77 -59.46
N ASP B 92 26.51 -28.19 -60.23
CA ASP B 92 26.49 -29.51 -60.83
C ASP B 92 26.14 -29.40 -62.31
N PHE B 93 26.70 -30.29 -63.11
CA PHE B 93 26.54 -30.28 -64.56
C PHE B 93 25.68 -31.46 -64.97
N TYR B 94 24.81 -31.26 -65.96
CA TYR B 94 23.82 -32.23 -66.39
C TYR B 94 23.82 -32.45 -67.89
N ASP B 95 23.57 -33.71 -68.30
CA ASP B 95 23.65 -34.08 -69.72
C ASP B 95 22.38 -33.81 -70.54
N GLU B 96 21.30 -33.37 -69.90
CA GLU B 96 20.13 -32.87 -70.58
C GLU B 96 20.01 -31.39 -70.26
N PHE B 97 19.14 -30.67 -70.97
CA PHE B 97 18.83 -29.31 -70.60
C PHE B 97 18.01 -29.33 -69.31
N TRP B 98 17.83 -28.16 -68.71
CA TRP B 98 16.96 -27.97 -67.52
C TRP B 98 17.52 -28.55 -66.23
N GLY B 99 18.81 -28.86 -66.20
CA GLY B 99 19.43 -29.38 -64.98
C GLY B 99 18.87 -30.75 -64.64
N GLN B 100 18.71 -31.59 -65.68
CA GLN B 100 18.16 -32.94 -65.56
C GLN B 100 19.10 -33.91 -66.28
N GLY B 101 19.03 -35.18 -65.89
CA GLY B 101 19.81 -36.25 -66.44
C GLY B 101 20.97 -36.66 -65.56
N LEU B 102 22.07 -37.06 -66.21
CA LEU B 102 23.24 -37.54 -65.50
C LEU B 102 24.04 -36.35 -65.01
N ARG B 103 24.37 -36.37 -63.72
CA ARG B 103 25.12 -35.31 -63.06
C ARG B 103 26.62 -35.60 -62.98
N ALA B 104 27.46 -34.57 -63.15
CA ALA B 104 28.88 -34.62 -62.83
C ALA B 104 29.28 -33.27 -62.29
N ALA B 105 30.37 -33.20 -61.53
CA ALA B 105 30.82 -31.90 -61.05
C ALA B 105 32.26 -31.91 -60.60
N PRO B 106 32.91 -30.74 -60.66
CA PRO B 106 34.22 -30.59 -60.06
C PRO B 106 34.22 -30.91 -58.56
N LYS B 107 35.32 -31.45 -58.06
CA LYS B 107 35.43 -31.77 -56.65
C LYS B 107 35.99 -30.59 -55.88
N LYS B 108 35.87 -30.65 -54.56
CA LYS B 108 36.43 -29.65 -53.65
C LYS B 108 35.93 -28.22 -53.89
N GLN B 109 34.65 -28.08 -54.22
CA GLN B 109 34.09 -26.76 -54.49
C GLN B 109 34.02 -25.91 -53.22
N LYS B 110 34.15 -24.60 -53.40
CA LYS B 110 34.07 -23.64 -52.31
C LYS B 110 32.79 -22.82 -52.46
N LYS B 111 32.29 -22.25 -51.35
CA LYS B 111 31.16 -21.32 -51.37
C LYS B 111 31.65 -19.93 -51.78
N HIS B 112 30.83 -19.21 -52.51
CA HIS B 112 31.15 -17.84 -52.95
C HIS B 112 29.95 -16.99 -52.66
N THR B 113 30.11 -15.95 -51.83
CA THR B 113 28.98 -15.12 -51.41
C THR B 113 29.05 -13.74 -52.04
N LEU B 114 28.02 -13.41 -52.80
CA LEU B 114 27.95 -12.19 -53.59
C LEU B 114 27.03 -11.17 -52.95
N SER B 115 27.50 -9.93 -52.81
CA SER B 115 26.67 -8.87 -52.28
C SER B 115 25.95 -8.22 -53.45
N LEU B 116 24.65 -8.44 -53.55
CA LEU B 116 23.87 -7.88 -54.67
C LEU B 116 23.66 -6.40 -54.46
N THR B 117 23.74 -5.64 -55.55
CA THR B 117 23.62 -4.19 -55.47
C THR B 117 22.55 -3.69 -56.44
N PRO B 118 21.90 -2.55 -56.10
CA PRO B 118 20.83 -2.02 -56.94
C PRO B 118 21.20 -1.80 -58.40
N ASP B 119 20.19 -1.91 -59.26
CA ASP B 119 20.32 -1.71 -60.71
C ASP B 119 21.28 -2.72 -61.37
N THR B 120 21.20 -3.97 -60.91
CA THR B 120 21.93 -5.07 -61.53
C THR B 120 20.87 -6.16 -61.73
N THR B 121 21.13 -7.04 -62.68
CA THR B 121 20.13 -8.03 -63.07
C THR B 121 19.81 -9.02 -61.91
N LEU B 122 20.82 -9.46 -61.18
CA LEU B 122 20.57 -10.39 -60.09
C LEU B 122 19.82 -9.72 -58.94
N TYR B 123 20.09 -8.43 -58.70
CA TYR B 123 19.38 -7.71 -57.67
C TYR B 123 17.89 -7.66 -57.98
N ASN B 124 17.55 -7.38 -59.23
CA ASN B 124 16.15 -7.28 -59.58
C ASN B 124 15.46 -8.63 -59.50
N ALA B 125 16.15 -9.69 -59.87
CA ALA B 125 15.62 -11.04 -59.67
C ALA B 125 15.42 -11.38 -58.21
N ALA B 126 16.38 -11.00 -57.37
CA ALA B 126 16.31 -11.21 -55.91
C ALA B 126 15.09 -10.49 -55.31
N GLN B 127 14.78 -9.30 -55.79
CA GLN B 127 13.58 -8.55 -55.30
C GLN B 127 12.31 -9.37 -55.50
N ILE B 128 12.20 -10.00 -56.66
CA ILE B 128 11.04 -10.83 -56.96
C ILE B 128 11.02 -12.10 -56.13
N ILE B 129 12.18 -12.75 -55.97
CA ILE B 129 12.25 -13.98 -55.16
C ILE B 129 11.84 -13.65 -53.71
N CYS B 130 12.37 -12.55 -53.20
CA CYS B 130 12.08 -12.15 -51.83
C CYS B 130 10.60 -11.75 -51.67
N ALA B 131 10.03 -11.05 -52.64
CA ALA B 131 8.61 -10.68 -52.55
C ALA B 131 7.71 -11.90 -52.50
N ASN B 132 8.09 -12.96 -53.21
CA ASN B 132 7.28 -14.19 -53.25
C ASN B 132 7.53 -15.20 -52.14
N TYR B 133 8.73 -15.22 -51.58
CA TYR B 133 9.07 -16.26 -50.61
C TYR B 133 9.76 -15.82 -49.33
N GLY B 134 10.31 -14.61 -49.29
CA GLY B 134 11.17 -14.22 -48.16
C GLY B 134 10.66 -13.11 -47.28
N GLU B 135 9.37 -12.78 -47.39
CA GLU B 135 8.80 -11.61 -46.70
C GLU B 135 7.50 -11.95 -45.98
N GLY B 144 0.59 4.19 -43.11
CA GLY B 144 0.74 2.74 -43.21
C GLY B 144 1.32 2.16 -41.94
N THR B 145 2.65 2.08 -41.88
CA THR B 145 3.34 1.58 -40.69
C THR B 145 3.26 2.60 -39.55
N LYS B 146 3.23 3.89 -39.84
CA LYS B 146 3.10 4.91 -38.78
C LYS B 146 1.68 4.90 -38.22
N LYS B 147 0.69 4.74 -39.10
CA LYS B 147 -0.69 4.67 -38.69
C LYS B 147 -0.91 3.43 -37.80
N ALA B 148 -0.26 2.34 -38.17
CA ALA B 148 -0.30 1.10 -37.37
C ALA B 148 0.40 1.28 -36.01
N ALA B 149 1.50 2.02 -35.99
CA ALA B 149 2.19 2.31 -34.74
C ALA B 149 1.28 3.16 -33.82
N VAL B 150 0.60 4.14 -34.41
CA VAL B 150 -0.29 5.03 -33.63
C VAL B 150 -1.41 4.18 -33.02
N SER B 151 -1.94 3.22 -33.78
CA SER B 151 -2.95 2.30 -33.24
C SER B 151 -2.46 1.57 -31.99
N GLU B 152 -1.20 1.13 -32.00
CA GLU B 152 -0.62 0.46 -30.84
C GLU B 152 -0.51 1.42 -29.65
N LEU B 153 -0.12 2.67 -29.90
CA LEU B 153 -0.02 3.66 -28.84
C LEU B 153 -1.39 3.91 -28.18
N LEU B 154 -2.44 3.96 -28.99
CA LEU B 154 -3.81 4.09 -28.46
C LEU B 154 -4.23 2.88 -27.65
N GLN B 155 -3.92 1.69 -28.16
CA GLN B 155 -4.29 0.47 -27.46
C GLN B 155 -3.62 0.32 -26.09
N ALA B 156 -2.46 0.96 -25.91
CA ALA B 156 -1.72 0.92 -24.65
C ALA B 156 -2.55 1.39 -23.44
N SER B 157 -3.46 2.35 -23.65
CA SER B 157 -4.31 2.84 -22.55
C SER B 157 -5.54 2.01 -22.27
N ALA B 158 -5.91 1.11 -23.17
CA ALA B 158 -7.21 0.39 -23.08
C ALA B 158 -7.42 -0.36 -21.75
N PRO B 159 -6.43 -1.18 -21.33
CA PRO B 159 -6.64 -1.88 -20.06
C PRO B 159 -6.70 -0.94 -18.85
N TYR B 160 -5.96 0.17 -18.90
CA TYR B 160 -5.97 1.14 -17.82
C TYR B 160 -7.30 1.91 -17.74
N LYS B 161 -7.87 2.22 -18.90
CA LYS B 161 -9.14 2.96 -18.95
C LYS B 161 -10.23 2.10 -18.29
N ALA B 162 -10.24 0.82 -18.63
CA ALA B 162 -11.21 -0.13 -18.03
C ALA B 162 -10.99 -0.24 -16.53
N ASP B 163 -9.73 -0.30 -16.11
CA ASP B 163 -9.39 -0.35 -14.68
C ASP B 163 -9.87 0.91 -13.96
N VAL B 164 -9.65 2.08 -14.57
CA VAL B 164 -10.08 3.32 -13.97
C VAL B 164 -11.61 3.41 -13.88
N GLU B 165 -12.32 2.97 -14.91
CA GLU B 165 -13.79 2.98 -14.85
C GLU B 165 -14.28 2.15 -13.68
N LEU B 166 -13.70 0.96 -13.49
CA LEU B 166 -14.07 0.11 -12.34
C LEU B 166 -13.87 0.86 -11.04
N CYS B 167 -12.71 1.51 -10.90
CA CYS B 167 -12.36 2.29 -9.72
C CYS B 167 -13.38 3.41 -9.43
N VAL B 168 -13.75 4.15 -10.46
CA VAL B 168 -14.70 5.25 -10.29
C VAL B 168 -16.08 4.75 -9.83
N TYR B 169 -16.55 3.63 -10.39
CA TYR B 169 -17.85 3.09 -9.95
C TYR B 169 -17.77 2.45 -8.57
N SER B 170 -16.62 1.89 -8.22
CA SER B 170 -16.45 1.23 -6.94
CA SER B 170 -16.44 1.23 -6.93
C SER B 170 -16.34 2.25 -5.81
N THR B 171 -15.43 3.21 -5.97
CA THR B 171 -15.16 4.23 -4.93
C THR B 171 -15.99 5.52 -5.01
N ASN B 172 -16.66 5.75 -6.13
CA ASN B 172 -17.43 6.98 -6.38
C ASN B 172 -16.58 8.26 -6.53
N GLU B 173 -15.31 8.09 -6.89
CA GLU B 173 -14.42 9.24 -7.02
C GLU B 173 -13.24 8.88 -7.90
N THR B 174 -12.52 9.89 -8.35
CA THR B 174 -11.31 9.68 -9.16
C THR B 174 -10.01 9.78 -8.35
N THR B 175 -10.10 10.25 -7.11
CA THR B 175 -8.92 10.59 -6.28
C THR B 175 -7.78 9.57 -6.19
N ASN B 176 -8.09 8.33 -5.85
CA ASN B 176 -7.06 7.30 -5.77
C ASN B 176 -7.16 6.26 -6.85
N CYS B 177 -7.62 6.69 -8.04
CA CYS B 177 -7.59 5.83 -9.21
C CYS B 177 -6.20 5.99 -9.83
N THR B 178 -5.25 5.33 -9.17
CA THR B 178 -3.82 5.43 -9.42
C THR B 178 -3.20 4.04 -9.58
N GLY B 179 -2.14 3.94 -10.37
CA GLY B 179 -1.48 2.67 -10.62
C GLY B 179 -1.10 1.99 -9.32
N GLY B 180 -1.46 0.71 -9.19
CA GLY B 180 -1.18 -0.05 -7.97
C GLY B 180 -2.23 0.06 -6.87
N LYS B 181 -3.31 0.80 -7.12
CA LYS B 181 -4.41 0.93 -6.17
C LYS B 181 -5.73 0.63 -6.85
N ASN B 182 -6.70 0.17 -6.06
CA ASN B 182 -8.04 -0.08 -6.54
C ASN B 182 -8.10 -0.98 -7.79
N GLY B 183 -7.18 -1.94 -7.87
CA GLY B 183 -7.15 -2.91 -8.97
C GLY B 183 -6.53 -2.39 -10.26
N ILE B 184 -6.04 -1.16 -10.25
CA ILE B 184 -5.42 -0.58 -11.44
C ILE B 184 -3.99 -1.11 -11.56
N ALA B 185 -3.64 -1.54 -12.76
CA ALA B 185 -2.33 -2.08 -13.04
C ALA B 185 -1.23 -1.07 -12.72
N ALA B 186 -0.06 -1.58 -12.37
CA ALA B 186 1.06 -0.72 -12.08
C ALA B 186 1.47 0.01 -13.35
N ASP B 187 2.07 1.18 -13.15
CA ASP B 187 2.60 1.97 -14.26
C ASP B 187 3.62 1.14 -15.06
N ILE B 188 3.70 1.43 -16.36
CA ILE B 188 4.73 0.85 -17.22
C ILE B 188 5.83 1.90 -17.31
N THR B 189 7.01 1.57 -16.78
CA THR B 189 8.16 2.49 -16.77
C THR B 189 9.29 2.06 -17.71
N THR B 190 9.21 0.83 -18.22
CA THR B 190 10.19 0.33 -19.16
C THR B 190 9.62 0.48 -20.56
N ALA B 191 10.33 1.19 -21.42
CA ALA B 191 9.94 1.38 -22.81
C ALA B 191 9.88 0.06 -23.56
N LYS B 192 8.97 -0.04 -24.51
CA LYS B 192 8.78 -1.26 -25.28
C LYS B 192 8.05 -0.91 -26.57
N GLY B 193 8.63 -1.27 -27.70
CA GLY B 193 8.05 -0.92 -28.99
C GLY B 193 7.91 0.59 -29.13
N TYR B 194 6.70 1.03 -29.45
CA TYR B 194 6.40 2.45 -29.64
C TYR B 194 5.90 3.14 -28.37
N VAL B 195 5.85 2.43 -27.26
CA VAL B 195 5.34 2.97 -25.99
C VAL B 195 6.49 3.21 -25.02
N LYS B 196 6.76 4.47 -24.73
CA LYS B 196 7.78 4.83 -23.74
C LYS B 196 7.33 4.54 -22.30
N SER B 197 6.09 4.90 -21.99
CA SER B 197 5.59 4.75 -20.64
C SER B 197 4.09 4.91 -20.61
N VAL B 198 3.49 4.35 -19.57
CA VAL B 198 2.05 4.50 -19.27
C VAL B 198 1.97 4.68 -17.78
N THR B 199 1.39 5.81 -17.33
CA THR B 199 1.22 6.09 -15.92
C THR B 199 -0.23 6.46 -15.62
N THR B 200 -0.71 6.08 -14.44
CA THR B 200 -2.06 6.45 -14.00
C THR B 200 -2.03 7.09 -12.63
N SER B 201 -2.69 8.25 -12.51
CA SER B 201 -2.69 8.99 -11.27
C SER B 201 -3.97 9.80 -11.14
N ASN B 202 -4.73 9.58 -10.06
CA ASN B 202 -5.95 10.34 -9.82
C ASN B 202 -6.91 10.38 -11.04
N GLY B 203 -7.03 9.24 -11.74
CA GLY B 203 -7.95 9.11 -12.88
C GLY B 203 -7.41 9.61 -14.20
N ALA B 204 -6.15 10.05 -14.22
CA ALA B 204 -5.50 10.51 -15.45
C ALA B 204 -4.47 9.50 -15.93
N ILE B 205 -4.65 9.03 -17.16
CA ILE B 205 -3.76 8.06 -17.80
C ILE B 205 -2.86 8.80 -18.80
N THR B 206 -1.55 8.79 -18.58
CA THR B 206 -0.59 9.49 -19.47
C THR B 206 0.21 8.45 -20.26
N VAL B 207 0.11 8.52 -21.58
CA VAL B 207 0.80 7.62 -22.49
C VAL B 207 1.77 8.41 -23.36
N LYS B 208 3.05 8.06 -23.29
CA LYS B 208 4.08 8.73 -24.08
C LYS B 208 4.64 7.78 -25.13
N GLY B 209 4.78 8.26 -26.36
CA GLY B 209 5.34 7.48 -27.48
C GLY B 209 6.87 7.43 -27.47
N ASP B 210 7.41 6.46 -28.22
CA ASP B 210 8.86 6.24 -28.34
C ASP B 210 9.21 5.90 -29.80
N GLY B 211 10.49 6.01 -30.17
CA GLY B 211 10.92 5.71 -31.53
C GLY B 211 10.20 6.54 -32.58
N THR B 212 9.53 5.85 -33.50
CA THR B 212 8.74 6.48 -34.57
C THR B 212 7.72 7.48 -33.96
N LEU B 213 7.25 7.19 -32.76
CA LEU B 213 6.24 8.03 -32.09
C LEU B 213 6.80 8.92 -30.96
N ALA B 214 8.10 9.24 -31.02
CA ALA B 214 8.73 10.00 -29.93
C ALA B 214 8.08 11.38 -29.71
N ASN B 215 7.47 11.95 -30.74
CA ASN B 215 6.85 13.28 -30.64
C ASN B 215 5.32 13.23 -30.49
N MET B 216 4.83 12.16 -29.88
CA MET B 216 3.38 11.98 -29.60
C MET B 216 3.14 11.56 -28.16
N GLU B 217 2.12 12.19 -27.54
CA GLU B 217 1.73 11.87 -26.18
C GLU B 217 0.26 12.21 -26.04
N TYR B 218 -0.45 11.43 -25.23
CA TYR B 218 -1.83 11.78 -24.87
C TYR B 218 -2.11 11.51 -23.39
N ILE B 219 -3.11 12.20 -22.88
CA ILE B 219 -3.57 12.04 -21.52
C ILE B 219 -5.08 11.82 -21.58
N LEU B 220 -5.54 10.72 -20.99
CA LEU B 220 -6.98 10.42 -20.84
C LEU B 220 -7.34 10.70 -19.40
N GLN B 221 -8.31 11.57 -19.19
CA GLN B 221 -8.68 11.99 -17.85
C GLN B 221 -10.14 11.69 -17.59
N ALA B 222 -10.40 10.89 -16.56
CA ALA B 222 -11.76 10.67 -16.08
C ALA B 222 -12.20 11.77 -15.12
N THR B 223 -13.43 12.27 -15.29
CA THR B 223 -14.02 13.21 -14.33
C THR B 223 -15.47 12.80 -14.11
N GLY B 224 -16.04 13.31 -13.03
CA GLY B 224 -17.40 13.00 -12.67
C GLY B 224 -17.53 11.76 -11.79
N ASN B 225 -18.73 11.19 -11.84
CA ASN B 225 -19.10 10.10 -10.98
C ASN B 225 -20.42 9.59 -11.55
N ALA B 226 -20.90 8.51 -10.99
CA ALA B 226 -22.11 7.87 -11.52
C ALA B 226 -23.33 8.81 -11.61
N ALA B 227 -23.55 9.67 -10.61
CA ALA B 227 -24.75 10.50 -10.60
C ALA B 227 -24.76 11.60 -11.63
N THR B 228 -23.59 12.19 -11.84
N THR B 228 -23.60 12.21 -11.87
CA THR B 228 -23.45 13.28 -12.80
CA THR B 228 -23.53 13.28 -12.85
C THR B 228 -23.13 12.74 -14.19
C THR B 228 -23.13 12.74 -14.21
N GLY B 229 -22.54 11.54 -14.23
CA GLY B 229 -22.06 10.90 -15.44
C GLY B 229 -20.54 10.94 -15.45
N VAL B 230 -19.92 9.86 -15.90
CA VAL B 230 -18.46 9.75 -15.97
C VAL B 230 -18.03 10.26 -17.36
N THR B 231 -17.16 11.27 -17.38
CA THR B 231 -16.71 11.89 -18.63
C THR B 231 -15.23 11.61 -18.83
N TRP B 232 -14.86 11.21 -20.05
CA TRP B 232 -13.45 11.04 -20.40
C TRP B 232 -13.04 12.15 -21.31
N THR B 233 -11.92 12.80 -20.99
CA THR B 233 -11.38 13.89 -21.79
C THR B 233 -10.01 13.44 -22.29
N THR B 234 -9.76 13.60 -23.59
CA THR B 234 -8.47 13.27 -24.19
C THR B 234 -7.71 14.52 -24.63
N THR B 235 -6.48 14.66 -24.15
CA THR B 235 -5.63 15.80 -24.49
C THR B 235 -4.38 15.25 -25.17
N CYS B 236 -4.02 15.81 -26.32
CA CYS B 236 -2.86 15.36 -27.08
C CYS B 236 -1.78 16.44 -27.11
N LYS B 237 -0.53 15.99 -27.08
CA LYS B 237 0.62 16.90 -27.10
C LYS B 237 1.75 16.31 -27.94
N GLY B 238 2.76 17.13 -28.20
CA GLY B 238 3.90 16.72 -29.04
C GLY B 238 3.79 17.29 -30.44
N THR B 239 4.94 17.44 -31.11
CA THR B 239 4.93 18.05 -32.42
C THR B 239 4.24 17.21 -33.49
N ASP B 240 3.98 15.92 -33.20
CA ASP B 240 3.23 15.06 -34.12
C ASP B 240 1.82 14.79 -33.62
N ALA B 241 1.28 15.66 -32.77
CA ALA B 241 -0.11 15.47 -32.28
C ALA B 241 -1.14 15.43 -33.43
N SER B 242 -0.84 16.07 -34.57
CA SER B 242 -1.76 16.05 -35.71
C SER B 242 -1.90 14.68 -36.37
N LEU B 243 -1.02 13.73 -36.00
CA LEU B 243 -1.05 12.38 -36.54
CA LEU B 243 -1.04 12.38 -36.55
C LEU B 243 -1.91 11.42 -35.73
N PHE B 244 -2.50 11.89 -34.62
CA PHE B 244 -3.45 11.05 -33.94
C PHE B 244 -4.68 10.94 -34.85
N PRO B 245 -5.49 9.89 -34.67
CA PRO B 245 -6.65 9.77 -35.56
C PRO B 245 -7.61 10.94 -35.43
N ALA B 246 -8.34 11.25 -36.51
CA ALA B 246 -9.34 12.29 -36.42
C ALA B 246 -10.33 11.93 -35.30
N ASN B 247 -10.79 12.96 -34.59
CA ASN B 247 -11.73 12.81 -33.48
C ASN B 247 -11.19 12.16 -32.21
N PHE B 248 -9.93 11.72 -32.21
CA PHE B 248 -9.35 11.14 -31.01
C PHE B 248 -9.10 12.22 -29.96
N CYS B 249 -8.49 13.33 -30.37
CA CYS B 249 -8.10 14.36 -29.42
C CYS B 249 -9.27 15.31 -29.13
N GLY B 250 -9.61 15.49 -27.86
CA GLY B 250 -10.56 16.51 -27.44
C GLY B 250 -9.91 17.88 -27.44
N SER B 251 -8.63 17.91 -27.06
CA SER B 251 -7.85 19.13 -27.06
C SER B 251 -6.46 18.80 -27.51
N VAL B 252 -5.85 19.72 -28.23
CA VAL B 252 -4.47 19.56 -28.69
C VAL B 252 -3.64 20.77 -28.25
N THR B 253 -2.50 20.52 -27.62
CA THR B 253 -1.60 21.56 -27.16
C THR B 253 -0.52 21.74 -28.21
N GLN B 254 -0.34 22.97 -28.67
CA GLN B 254 0.68 23.25 -29.70
C GLN B 254 1.83 24.03 -29.11
S SO4 C . -22.27 18.57 44.96
O1 SO4 C . -22.88 19.72 45.66
O2 SO4 C . -21.13 19.01 44.13
O3 SO4 C . -21.78 17.56 45.93
O4 SO4 C . -23.29 17.95 44.08
C ACT D . -12.64 7.29 59.12
O ACT D . -12.18 7.79 58.08
OXT ACT D . -12.53 6.06 59.41
CH3 ACT D . -13.37 8.20 60.06
C1 GOL E . -21.38 25.34 62.29
O1 GOL E . -21.21 24.04 62.87
C2 GOL E . -20.48 25.55 61.08
O2 GOL E . -19.15 25.75 61.54
C3 GOL E . -20.49 24.37 60.12
O3 GOL E . -21.03 24.70 58.82
S SO4 F . 24.93 -13.85 -45.09
O1 SO4 F . 24.46 -12.59 -44.45
O2 SO4 F . 26.11 -13.58 -45.95
O3 SO4 F . 23.81 -14.40 -45.89
O4 SO4 F . 25.29 -14.84 -44.04
S SO4 G . 38.21 -19.99 -56.11
O1 SO4 G . 37.45 -18.94 -56.82
O2 SO4 G . 39.10 -19.38 -55.09
O3 SO4 G . 39.03 -20.76 -57.09
O4 SO4 G . 37.22 -20.88 -55.47
S SO4 H . 24.43 -6.56 -64.66
O1 SO4 H . 24.78 -6.87 -66.06
O2 SO4 H . 25.21 -5.41 -64.15
O3 SO4 H . 24.71 -7.75 -63.81
O4 SO4 H . 22.99 -6.18 -64.60
S SO4 I . 33.16 -33.44 -53.22
O1 SO4 I . 32.04 -32.88 -54.00
O2 SO4 I . 34.38 -32.63 -53.42
O3 SO4 I . 32.80 -33.45 -51.78
O4 SO4 I . 33.41 -34.83 -53.67
C ACT J . -8.95 16.07 -35.67
O ACT J . -8.27 16.41 -34.67
OXT ACT J . -10.15 15.77 -35.57
CH3 ACT J . -8.29 16.02 -37.02
C ACT K . -16.02 6.70 -23.09
O ACT K . -16.69 7.75 -23.01
OXT ACT K . -15.23 6.47 -24.03
CH3 ACT K . -16.19 5.66 -22.02
#